data_1E27
#
_entry.id   1E27
#
_cell.length_a   50.800
_cell.length_b   82.300
_cell.length_c   111.000
_cell.angle_alpha   90.00
_cell.angle_beta   90.00
_cell.angle_gamma   90.00
#
_symmetry.space_group_name_H-M   'P 21 21 21'
#
loop_
_entity.id
_entity.type
_entity.pdbx_description
1 polymer 'HLA CLASS I HISTOCOMPATIBILITY ANTIGEN HEAVY CHAIN'
2 polymer 'BETA-2 MICROGLOBULIN LIGHT CHAIN'
3 polymer 'HIV-1 PEPTIDE (LPPVVAKEI)'
4 water water
#
loop_
_entity_poly.entity_id
_entity_poly.type
_entity_poly.pdbx_seq_one_letter_code
_entity_poly.pdbx_strand_id
1 'polypeptide(L)'
;GSHSMRYFYTAMSRPGRGEPRFIAVGYVDDTQFVRFDSDAASPRTEPRAPWIEQEGPEYWDRNTQIFKTNTQTYRENLRI
ALRYYNQSEAGSHTWQTMYGCDVGPDGRLLRGHNQYAYDGKDYIALNEDLSSWTAADTAAQITQRKWEAAREAEQLRAYL
EGLCVEWLRRHLENGKETLQRADPPKTHVTHHPVSDHEATLRCWALGFYPAEITLTWQRDGEDQTQDTELVETRPAGDRT
FQKWAAVVVPSGEEQRYTCHVQHEGLPKPLTLRWEP
;
A
2 'polypeptide(L)'
;IQRTPKIQVYSRHPAENGKSNFLNCYVSGFHPSDIEVDLLKNGERIEKVEHSDLSFSKDWSFYLLYYTEFTPTEKDEYAC
RVNHVTLSQPKIVKWDRDM
;
B
3 'polypeptide(L)' LPPVVAKEI C
#
# COMPACT_ATOMS: atom_id res chain seq x y z
N GLY A 1 -5.55 -20.84 -1.70
CA GLY A 1 -4.08 -20.65 -1.89
C GLY A 1 -3.58 -19.53 -1.01
N SER A 2 -4.05 -19.51 0.23
CA SER A 2 -3.67 -18.48 1.20
C SER A 2 -4.14 -17.09 0.77
N HIS A 3 -5.09 -16.55 1.52
CA HIS A 3 -5.66 -15.24 1.25
C HIS A 3 -5.85 -14.50 2.57
N SER A 4 -6.08 -13.21 2.48
CA SER A 4 -6.28 -12.43 3.68
C SER A 4 -7.17 -11.22 3.44
N MET A 5 -7.91 -10.83 4.47
CA MET A 5 -8.73 -9.66 4.38
C MET A 5 -8.11 -8.72 5.40
N ARG A 6 -7.98 -7.46 5.05
CA ARG A 6 -7.37 -6.48 5.94
C ARG A 6 -8.11 -5.16 5.92
N TYR A 7 -8.16 -4.50 7.07
CA TYR A 7 -8.77 -3.19 7.20
C TYR A 7 -7.70 -2.27 7.78
N PHE A 8 -7.54 -1.09 7.19
CA PHE A 8 -6.56 -0.10 7.63
C PHE A 8 -7.25 1.20 8.00
N TYR A 9 -7.11 1.60 9.25
CA TYR A 9 -7.72 2.82 9.75
C TYR A 9 -6.66 3.86 10.03
N THR A 10 -6.96 5.10 9.65
CA THR A 10 -6.05 6.21 9.90
C THR A 10 -6.91 7.37 10.41
N ALA A 11 -6.50 7.93 11.55
CA ALA A 11 -7.18 9.07 12.17
C ALA A 11 -6.10 10.13 12.40
N MET A 12 -6.37 11.36 11.97
CA MET A 12 -5.40 12.45 12.09
C MET A 12 -5.99 13.74 12.66
N SER A 13 -5.41 14.25 13.74
CA SER A 13 -5.90 15.50 14.32
C SER A 13 -5.33 16.65 13.49
N ARG A 14 -6.01 17.79 13.53
CA ARG A 14 -5.61 18.97 12.78
C ARG A 14 -6.22 20.20 13.48
N PRO A 15 -5.65 20.56 14.65
CA PRO A 15 -6.11 21.71 15.46
C PRO A 15 -6.31 22.98 14.64
N GLY A 16 -7.49 23.59 14.79
CA GLY A 16 -7.79 24.80 14.07
C GLY A 16 -8.39 24.53 12.70
N ARG A 17 -8.39 23.26 12.29
CA ARG A 17 -8.94 22.89 10.99
C ARG A 17 -10.02 21.82 11.06
N GLY A 18 -10.85 21.90 12.09
CA GLY A 18 -11.93 20.94 12.24
C GLY A 18 -11.60 19.72 13.08
N GLU A 19 -12.56 18.81 13.19
CA GLU A 19 -12.39 17.59 13.96
C GLU A 19 -11.45 16.64 13.24
N PRO A 20 -10.83 15.70 13.99
CA PRO A 20 -9.91 14.75 13.36
C PRO A 20 -10.54 13.95 12.22
N ARG A 21 -9.80 13.81 11.13
CA ARG A 21 -10.25 13.05 9.98
C ARG A 21 -10.03 11.56 10.22
N PHE A 22 -11.00 10.74 9.82
CA PHE A 22 -10.91 9.29 9.95
C PHE A 22 -11.12 8.69 8.57
N ILE A 23 -10.19 7.83 8.16
CA ILE A 23 -10.28 7.19 6.86
C ILE A 23 -10.09 5.68 7.04
N ALA A 24 -10.93 4.90 6.40
CA ALA A 24 -10.84 3.46 6.47
C ALA A 24 -10.88 2.85 5.08
N VAL A 25 -10.05 1.82 4.87
CA VAL A 25 -10.03 1.11 3.60
C VAL A 25 -9.93 -0.39 3.89
N GLY A 26 -10.58 -1.17 3.05
CA GLY A 26 -10.54 -2.61 3.22
C GLY A 26 -9.94 -3.26 1.98
N TYR A 27 -9.18 -4.32 2.21
CA TYR A 27 -8.54 -5.06 1.13
C TYR A 27 -8.74 -6.57 1.29
N VAL A 28 -8.64 -7.26 0.17
CA VAL A 28 -8.64 -8.72 0.14
C VAL A 28 -7.34 -8.88 -0.64
N ASP A 29 -6.32 -9.43 -0.01
CA ASP A 29 -5.00 -9.57 -0.64
C ASP A 29 -4.59 -8.18 -1.13
N ASP A 30 -4.20 -8.03 -2.40
CA ASP A 30 -3.79 -6.73 -2.88
C ASP A 30 -4.87 -5.99 -3.65
N THR A 31 -6.13 -6.28 -3.34
CA THR A 31 -7.25 -5.64 -4.01
C THR A 31 -8.13 -4.84 -3.03
N GLN A 32 -8.16 -3.52 -3.18
CA GLN A 32 -8.99 -2.71 -2.29
C GLN A 32 -10.44 -2.89 -2.70
N PHE A 33 -11.35 -3.01 -1.74
CA PHE A 33 -12.73 -3.19 -2.12
C PHE A 33 -13.69 -2.19 -1.48
N VAL A 34 -13.25 -1.51 -0.43
CA VAL A 34 -14.09 -0.50 0.22
C VAL A 34 -13.29 0.66 0.77
N ARG A 35 -14.00 1.76 1.01
CA ARG A 35 -13.40 2.96 1.56
C ARG A 35 -14.44 3.75 2.33
N PHE A 36 -13.97 4.52 3.30
CA PHE A 36 -14.81 5.41 4.11
C PHE A 36 -13.93 6.59 4.49
N ASP A 37 -14.47 7.79 4.36
CA ASP A 37 -13.75 9.03 4.65
C ASP A 37 -14.71 9.98 5.38
N SER A 38 -14.38 10.34 6.61
CA SER A 38 -15.24 11.23 7.38
C SER A 38 -15.31 12.62 6.77
N ASP A 39 -14.38 12.93 5.87
CA ASP A 39 -14.32 14.23 5.21
C ASP A 39 -15.18 14.34 3.95
N ALA A 40 -15.77 13.24 3.51
CA ALA A 40 -16.62 13.24 2.32
C ALA A 40 -17.90 14.06 2.57
N ALA A 41 -18.41 14.68 1.51
CA ALA A 41 -19.63 15.50 1.59
C ALA A 41 -20.72 14.81 2.42
N SER A 42 -21.00 13.55 2.09
CA SER A 42 -21.99 12.77 2.81
C SER A 42 -21.32 11.44 3.14
N PRO A 43 -20.55 11.40 4.24
CA PRO A 43 -19.83 10.21 4.69
C PRO A 43 -20.62 8.91 4.64
N ARG A 44 -20.18 8.00 3.79
CA ARG A 44 -20.79 6.69 3.63
C ARG A 44 -19.76 5.75 3.06
N THR A 45 -19.85 4.46 3.40
CA THR A 45 -18.88 3.50 2.89
C THR A 45 -19.16 3.32 1.40
N GLU A 46 -18.10 3.33 0.60
CA GLU A 46 -18.24 3.19 -0.83
C GLU A 46 -17.44 2.02 -1.41
N PRO A 47 -18.03 1.31 -2.40
CA PRO A 47 -17.38 0.17 -3.05
C PRO A 47 -16.20 0.63 -3.89
N ARG A 48 -15.15 -0.18 -3.92
CA ARG A 48 -13.96 0.15 -4.68
C ARG A 48 -13.52 -0.99 -5.60
N ALA A 49 -14.32 -2.05 -5.60
CA ALA A 49 -14.08 -3.22 -6.43
C ALA A 49 -15.46 -3.65 -6.95
N PRO A 50 -15.53 -4.12 -8.20
CA PRO A 50 -16.78 -4.55 -8.84
C PRO A 50 -17.61 -5.59 -8.10
N TRP A 51 -16.96 -6.66 -7.66
CA TRP A 51 -17.66 -7.74 -6.99
C TRP A 51 -18.37 -7.42 -5.67
N ILE A 52 -17.92 -6.39 -4.96
CA ILE A 52 -18.54 -6.04 -3.67
C ILE A 52 -19.87 -5.32 -3.85
N GLU A 53 -20.02 -4.64 -4.99
CA GLU A 53 -21.22 -3.86 -5.29
C GLU A 53 -22.53 -4.64 -5.15
N GLN A 54 -22.49 -5.95 -5.39
CA GLN A 54 -23.70 -6.73 -5.28
C GLN A 54 -24.19 -6.95 -3.85
N GLU A 55 -23.42 -6.53 -2.86
CA GLU A 55 -23.86 -6.66 -1.47
C GLU A 55 -25.08 -5.78 -1.24
N GLY A 56 -25.99 -6.24 -0.39
CA GLY A 56 -27.21 -5.48 -0.11
C GLY A 56 -27.04 -4.22 0.73
N PRO A 57 -28.08 -3.37 0.78
CA PRO A 57 -28.03 -2.13 1.56
C PRO A 57 -27.79 -2.36 3.05
N GLU A 58 -28.13 -3.54 3.54
CA GLU A 58 -27.92 -3.87 4.94
C GLU A 58 -26.42 -3.85 5.23
N TYR A 59 -25.65 -4.44 4.32
CA TYR A 59 -24.20 -4.49 4.45
C TYR A 59 -23.59 -3.10 4.48
N TRP A 60 -24.00 -2.26 3.54
CA TRP A 60 -23.49 -0.91 3.44
C TRP A 60 -23.83 0.00 4.62
N ASP A 61 -25.07 -0.07 5.11
CA ASP A 61 -25.45 0.78 6.23
C ASP A 61 -24.78 0.28 7.51
N ARG A 62 -24.58 -1.03 7.61
CA ARG A 62 -23.93 -1.59 8.78
C ARG A 62 -22.48 -1.09 8.77
N ASN A 63 -21.89 -1.07 7.59
CA ASN A 63 -20.52 -0.59 7.42
C ASN A 63 -20.42 0.86 7.88
N THR A 64 -21.33 1.71 7.41
CA THR A 64 -21.30 3.12 7.75
C THR A 64 -21.52 3.34 9.25
N GLN A 65 -22.37 2.51 9.85
CA GLN A 65 -22.64 2.61 11.28
C GLN A 65 -21.36 2.31 12.06
N ILE A 66 -20.66 1.26 11.65
CA ILE A 66 -19.42 0.87 12.31
C ILE A 66 -18.37 1.98 12.15
N PHE A 67 -18.21 2.49 10.93
CA PHE A 67 -17.22 3.53 10.69
C PHE A 67 -17.50 4.87 11.38
N LYS A 68 -18.77 5.24 11.52
CA LYS A 68 -19.08 6.50 12.20
C LYS A 68 -18.74 6.33 13.68
N THR A 69 -19.00 5.15 14.22
CA THR A 69 -18.68 4.86 15.62
C THR A 69 -17.17 4.91 15.77
N ASN A 70 -16.46 4.24 14.85
CA ASN A 70 -15.00 4.23 14.88
C ASN A 70 -14.45 5.64 14.78
N THR A 71 -15.11 6.50 14.01
CA THR A 71 -14.65 7.87 13.86
C THR A 71 -14.61 8.58 15.21
N GLN A 72 -15.66 8.41 16.01
CA GLN A 72 -15.70 9.06 17.32
C GLN A 72 -14.73 8.43 18.30
N THR A 73 -14.58 7.10 18.25
CA THR A 73 -13.67 6.40 19.13
C THR A 73 -12.23 6.86 18.92
N TYR A 74 -11.85 7.07 17.66
CA TYR A 74 -10.49 7.51 17.38
C TYR A 74 -10.25 8.96 17.74
N ARG A 75 -11.31 9.77 17.72
CA ARG A 75 -11.16 11.17 18.09
C ARG A 75 -10.86 11.19 19.58
N GLU A 76 -11.45 10.25 20.30
CA GLU A 76 -11.23 10.12 21.73
C GLU A 76 -9.81 9.59 21.97
N ASN A 77 -9.38 8.61 21.16
CA ASN A 77 -8.03 8.06 21.29
C ASN A 77 -6.98 9.16 21.08
N LEU A 78 -7.26 10.10 20.19
CA LEU A 78 -6.32 11.19 19.94
C LEU A 78 -6.23 12.10 21.16
N ARG A 79 -7.37 12.34 21.81
CA ARG A 79 -7.43 13.17 23.00
C ARG A 79 -6.74 12.44 24.15
N ILE A 80 -6.99 11.14 24.26
CA ILE A 80 -6.39 10.34 25.32
C ILE A 80 -4.88 10.25 25.16
N ALA A 81 -4.41 10.16 23.91
CA ALA A 81 -2.99 10.07 23.63
C ALA A 81 -2.20 11.29 24.11
N LEU A 82 -2.81 12.47 24.00
CA LEU A 82 -2.15 13.69 24.44
C LEU A 82 -1.83 13.57 25.93
N ARG A 83 -2.77 13.01 26.69
CA ARG A 83 -2.60 12.82 28.12
C ARG A 83 -1.51 11.79 28.42
N TYR A 84 -1.56 10.65 27.73
CA TYR A 84 -0.57 9.58 27.92
C TYR A 84 0.86 10.00 27.61
N TYR A 85 1.02 10.98 26.72
CA TYR A 85 2.35 11.43 26.33
C TYR A 85 2.62 12.88 26.70
N ASN A 86 1.79 13.44 27.58
CA ASN A 86 1.93 14.82 28.03
C ASN A 86 2.13 15.77 26.87
N GLN A 87 1.31 15.62 25.82
CA GLN A 87 1.44 16.48 24.66
C GLN A 87 0.41 17.59 24.61
N SER A 88 0.76 18.64 23.88
CA SER A 88 -0.10 19.81 23.70
C SER A 88 -1.25 19.55 22.72
N GLU A 89 -2.30 20.34 22.87
CA GLU A 89 -3.48 20.24 22.00
C GLU A 89 -3.27 21.04 20.72
N ALA A 90 -2.10 21.67 20.60
CA ALA A 90 -1.79 22.48 19.44
C ALA A 90 -1.16 21.70 18.28
N GLY A 91 -0.67 20.50 18.56
CA GLY A 91 -0.04 19.72 17.50
C GLY A 91 -0.94 18.70 16.80
N SER A 92 -0.54 18.31 15.61
CA SER A 92 -1.27 17.32 14.82
C SER A 92 -0.68 15.93 15.09
N HIS A 93 -1.54 14.95 15.31
CA HIS A 93 -1.08 13.58 15.59
C HIS A 93 -1.84 12.54 14.79
N THR A 94 -1.28 11.34 14.72
CA THR A 94 -1.86 10.26 13.95
C THR A 94 -2.01 8.94 14.69
N TRP A 95 -3.14 8.28 14.47
CA TRP A 95 -3.38 6.96 15.03
C TRP A 95 -3.58 6.07 13.83
N GLN A 96 -2.94 4.91 13.83
CA GLN A 96 -3.11 3.96 12.72
C GLN A 96 -3.40 2.60 13.30
N THR A 97 -4.25 1.85 12.62
CA THR A 97 -4.62 0.52 13.04
C THR A 97 -4.82 -0.42 11.86
N MET A 98 -4.35 -1.65 12.03
CA MET A 98 -4.51 -2.68 11.02
C MET A 98 -5.19 -3.87 11.67
N TYR A 99 -6.15 -4.46 10.97
CA TYR A 99 -6.88 -5.65 11.42
C TYR A 99 -6.76 -6.59 10.24
N GLY A 100 -6.77 -7.90 10.51
CA GLY A 100 -6.69 -8.82 9.39
C GLY A 100 -6.70 -10.29 9.77
N CYS A 101 -7.18 -11.09 8.84
CA CYS A 101 -7.24 -12.53 9.02
C CYS A 101 -6.65 -13.19 7.79
N ASP A 102 -5.74 -14.13 8.03
CA ASP A 102 -5.11 -14.87 6.95
C ASP A 102 -5.75 -16.24 6.99
N VAL A 103 -6.10 -16.74 5.81
CA VAL A 103 -6.75 -18.02 5.68
C VAL A 103 -5.97 -18.93 4.75
N GLY A 104 -6.03 -20.23 5.02
CA GLY A 104 -5.33 -21.19 4.19
C GLY A 104 -6.22 -21.69 3.07
N PRO A 105 -5.69 -22.48 2.14
CA PRO A 105 -6.44 -23.04 1.01
C PRO A 105 -7.82 -23.60 1.38
N ASP A 106 -7.90 -24.24 2.54
CA ASP A 106 -9.16 -24.83 3.00
C ASP A 106 -10.10 -23.87 3.70
N GLY A 107 -9.75 -22.59 3.72
CA GLY A 107 -10.60 -21.59 4.34
C GLY A 107 -10.54 -21.42 5.84
N ARG A 108 -9.63 -22.11 6.51
CA ARG A 108 -9.54 -21.99 7.96
C ARG A 108 -8.46 -20.98 8.36
N LEU A 109 -8.71 -20.25 9.44
CA LEU A 109 -7.80 -19.23 9.93
C LEU A 109 -6.35 -19.68 10.10
N LEU A 110 -5.43 -18.98 9.43
CA LEU A 110 -4.01 -19.27 9.54
C LEU A 110 -3.50 -18.40 10.70
N ARG A 111 -4.07 -17.20 10.80
CA ARG A 111 -3.74 -16.26 11.88
C ARG A 111 -4.44 -14.91 11.76
N GLY A 112 -4.64 -14.27 12.91
CA GLY A 112 -5.30 -12.98 12.96
C GLY A 112 -4.35 -11.87 13.36
N HIS A 113 -4.68 -10.64 13.00
CA HIS A 113 -3.84 -9.48 13.29
C HIS A 113 -4.63 -8.28 13.78
N ASN A 114 -4.01 -7.51 14.68
CA ASN A 114 -4.56 -6.28 15.20
C ASN A 114 -3.43 -5.49 15.84
N GLN A 115 -2.98 -4.44 15.15
CA GLN A 115 -1.89 -3.60 15.62
C GLN A 115 -2.21 -2.13 15.57
N TYR A 116 -1.64 -1.39 16.52
CA TYR A 116 -1.84 0.05 16.61
C TYR A 116 -0.50 0.78 16.59
N ALA A 117 -0.51 1.98 16.03
CA ALA A 117 0.68 2.82 15.98
C ALA A 117 0.25 4.26 16.22
N TYR A 118 0.97 4.97 17.06
CA TYR A 118 0.65 6.36 17.33
C TYR A 118 1.80 7.18 16.78
N ASP A 119 1.49 8.12 15.89
CA ASP A 119 2.49 8.95 15.23
C ASP A 119 3.55 8.11 14.51
N GLY A 120 3.11 7.00 13.93
CA GLY A 120 4.02 6.14 13.19
C GLY A 120 4.87 5.17 13.99
N LYS A 121 4.63 5.12 15.30
CA LYS A 121 5.40 4.24 16.17
C LYS A 121 4.53 3.15 16.77
N ASP A 122 4.99 1.91 16.71
CA ASP A 122 4.24 0.80 17.28
C ASP A 122 3.81 1.14 18.69
N TYR A 123 2.55 0.86 18.99
CA TYR A 123 1.97 1.19 20.29
C TYR A 123 1.57 -0.08 21.06
N ILE A 124 0.68 -0.85 20.47
CA ILE A 124 0.24 -2.10 21.09
C ILE A 124 -0.23 -3.03 20.00
N ALA A 125 -0.06 -4.34 20.21
CA ALA A 125 -0.47 -5.33 19.23
C ALA A 125 -1.02 -6.56 19.91
N LEU A 126 -2.05 -7.16 19.32
CA LEU A 126 -2.65 -8.38 19.84
C LEU A 126 -1.67 -9.48 19.46
N ASN A 127 -1.33 -10.35 20.41
CA ASN A 127 -0.39 -11.42 20.09
C ASN A 127 -1.02 -12.48 19.20
N GLU A 128 -0.20 -13.35 18.62
CA GLU A 128 -0.71 -14.38 17.72
C GLU A 128 -1.70 -15.34 18.37
N ASP A 129 -1.62 -15.48 19.70
CA ASP A 129 -2.54 -16.36 20.41
C ASP A 129 -3.92 -15.74 20.47
N LEU A 130 -4.03 -14.50 20.00
CA LEU A 130 -5.30 -13.77 20.00
C LEU A 130 -5.92 -13.72 21.38
N SER A 131 -5.07 -13.76 22.42
CA SER A 131 -5.54 -13.73 23.80
C SER A 131 -4.75 -12.76 24.70
N SER A 132 -3.58 -12.32 24.23
CA SER A 132 -2.77 -11.39 25.02
C SER A 132 -2.26 -10.23 24.15
N TRP A 133 -1.68 -9.23 24.81
CA TRP A 133 -1.15 -8.06 24.12
C TRP A 133 0.33 -7.81 24.41
N THR A 134 0.94 -7.04 23.53
CA THR A 134 2.34 -6.64 23.67
C THR A 134 2.32 -5.11 23.54
N ALA A 135 2.70 -4.43 24.63
CA ALA A 135 2.74 -2.97 24.66
C ALA A 135 4.17 -2.49 24.38
N ALA A 136 4.31 -1.45 23.57
CA ALA A 136 5.63 -0.93 23.23
C ALA A 136 6.23 -0.01 24.29
N ASP A 137 5.39 0.68 25.05
CA ASP A 137 5.87 1.60 26.06
C ASP A 137 4.95 1.64 27.28
N THR A 138 5.24 2.53 28.22
CA THR A 138 4.46 2.64 29.44
C THR A 138 3.05 3.18 29.24
N ALA A 139 2.82 3.92 28.17
CA ALA A 139 1.48 4.44 27.90
C ALA A 139 0.64 3.27 27.40
N ALA A 140 1.23 2.46 26.51
CA ALA A 140 0.53 1.31 25.96
C ALA A 140 0.23 0.29 27.05
N GLN A 141 1.06 0.24 28.09
CA GLN A 141 0.81 -0.69 29.19
C GLN A 141 -0.48 -0.29 29.89
N ILE A 142 -0.77 1.00 29.90
CA ILE A 142 -1.99 1.50 30.51
C ILE A 142 -3.16 0.94 29.71
N THR A 143 -3.08 1.08 28.39
CA THR A 143 -4.11 0.57 27.51
C THR A 143 -4.26 -0.94 27.66
N GLN A 144 -3.13 -1.63 27.80
CA GLN A 144 -3.16 -3.08 27.97
C GLN A 144 -3.96 -3.54 29.20
N ARG A 145 -3.61 -3.03 30.38
CA ARG A 145 -4.34 -3.44 31.57
C ARG A 145 -5.81 -3.08 31.43
N LYS A 146 -6.07 -1.98 30.75
CA LYS A 146 -7.43 -1.51 30.51
C LYS A 146 -8.18 -2.48 29.60
N TRP A 147 -7.51 -3.00 28.58
CA TRP A 147 -8.14 -3.93 27.66
C TRP A 147 -8.26 -5.33 28.25
N GLU A 148 -7.30 -5.70 29.09
CA GLU A 148 -7.34 -7.00 29.72
C GLU A 148 -8.51 -7.01 30.69
N ALA A 149 -8.68 -5.90 31.41
CA ALA A 149 -9.76 -5.77 32.38
C ALA A 149 -11.15 -5.82 31.74
N ALA A 150 -11.22 -5.49 30.46
CA ALA A 150 -12.50 -5.51 29.75
C ALA A 150 -12.56 -6.71 28.81
N ARG A 151 -11.55 -7.57 28.90
CA ARG A 151 -11.48 -8.76 28.06
C ARG A 151 -11.74 -8.44 26.58
N GLU A 152 -11.03 -7.44 26.06
CA GLU A 152 -11.15 -7.03 24.67
C GLU A 152 -10.64 -8.09 23.69
N ALA A 153 -9.56 -8.77 24.09
CA ALA A 153 -8.96 -9.80 23.24
C ALA A 153 -9.96 -10.89 22.86
N GLU A 154 -10.84 -11.24 23.79
CA GLU A 154 -11.85 -12.27 23.54
C GLU A 154 -12.85 -11.85 22.46
N GLN A 155 -13.26 -10.58 22.48
CA GLN A 155 -14.19 -10.09 21.47
C GLN A 155 -13.49 -10.01 20.12
N LEU A 156 -12.22 -9.66 20.14
CA LEU A 156 -11.45 -9.55 18.91
C LEU A 156 -11.23 -10.94 18.34
N ARG A 157 -10.94 -11.89 19.22
CA ARG A 157 -10.73 -13.27 18.79
C ARG A 157 -11.96 -13.79 18.04
N ALA A 158 -13.14 -13.53 18.59
CA ALA A 158 -14.37 -13.99 17.98
C ALA A 158 -14.54 -13.41 16.59
N TYR A 159 -14.27 -12.12 16.46
CA TYR A 159 -14.38 -11.46 15.16
C TYR A 159 -13.39 -12.06 14.18
N LEU A 160 -12.13 -12.15 14.57
CA LEU A 160 -11.10 -12.68 13.71
C LEU A 160 -11.32 -14.12 13.27
N GLU A 161 -11.79 -14.96 14.21
CA GLU A 161 -12.06 -16.36 13.92
C GLU A 161 -13.44 -16.57 13.30
N GLY A 162 -14.36 -15.64 13.54
CA GLY A 162 -15.70 -15.78 13.00
C GLY A 162 -15.98 -14.93 11.76
N LEU A 163 -16.56 -13.76 11.97
CA LEU A 163 -16.92 -12.86 10.88
C LEU A 163 -15.83 -12.63 9.85
N CYS A 164 -14.62 -12.32 10.30
CA CYS A 164 -13.53 -12.04 9.37
C CYS A 164 -13.33 -13.13 8.33
N VAL A 165 -13.12 -14.34 8.79
CA VAL A 165 -12.88 -15.44 7.86
C VAL A 165 -14.12 -15.82 7.05
N GLU A 166 -15.30 -15.65 7.64
CA GLU A 166 -16.54 -15.97 6.93
C GLU A 166 -16.77 -14.99 5.79
N TRP A 167 -16.54 -13.70 6.05
CA TRP A 167 -16.71 -12.71 5.01
C TRP A 167 -15.62 -12.78 3.97
N LEU A 168 -14.42 -13.18 4.40
CA LEU A 168 -13.31 -13.31 3.47
C LEU A 168 -13.65 -14.44 2.49
N ARG A 169 -14.17 -15.55 3.02
CA ARG A 169 -14.54 -16.67 2.17
C ARG A 169 -15.63 -16.24 1.20
N ARG A 170 -16.55 -15.42 1.68
CA ARG A 170 -17.64 -14.93 0.84
C ARG A 170 -17.09 -13.99 -0.26
N HIS A 171 -16.18 -13.11 0.12
CA HIS A 171 -15.60 -12.19 -0.86
C HIS A 171 -14.83 -12.96 -1.92
N LEU A 172 -14.08 -13.97 -1.50
CA LEU A 172 -13.30 -14.80 -2.41
C LEU A 172 -14.20 -15.51 -3.40
N GLU A 173 -15.40 -15.88 -2.96
CA GLU A 173 -16.33 -16.56 -3.83
C GLU A 173 -16.93 -15.58 -4.83
N ASN A 174 -17.44 -14.45 -4.35
CA ASN A 174 -18.03 -13.45 -5.23
C ASN A 174 -17.04 -12.78 -6.19
N GLY A 175 -15.80 -12.62 -5.74
CA GLY A 175 -14.79 -12.00 -6.60
C GLY A 175 -13.80 -12.98 -7.17
N LYS A 176 -14.23 -14.23 -7.26
CA LYS A 176 -13.40 -15.32 -7.77
C LYS A 176 -12.60 -15.03 -9.04
N GLU A 177 -13.26 -14.49 -10.07
CA GLU A 177 -12.62 -14.18 -11.35
C GLU A 177 -11.34 -13.37 -11.25
N THR A 178 -11.20 -12.55 -10.21
CA THR A 178 -10.02 -11.73 -10.05
C THR A 178 -9.23 -12.08 -8.79
N LEU A 179 -9.93 -12.18 -7.65
CA LEU A 179 -9.27 -12.47 -6.39
C LEU A 179 -8.54 -13.81 -6.39
N GLN A 180 -9.07 -14.77 -7.13
CA GLN A 180 -8.45 -16.10 -7.20
C GLN A 180 -7.71 -16.33 -8.51
N ARG A 181 -7.38 -15.26 -9.20
CA ARG A 181 -6.67 -15.37 -10.46
C ARG A 181 -5.32 -14.67 -10.39
N ALA A 182 -4.25 -15.43 -10.56
CA ALA A 182 -2.92 -14.84 -10.55
C ALA A 182 -2.58 -14.47 -11.99
N ASP A 183 -2.01 -13.29 -12.19
CA ASP A 183 -1.61 -12.84 -13.52
C ASP A 183 -0.08 -12.86 -13.52
N PRO A 184 0.52 -13.76 -14.32
CA PRO A 184 1.98 -13.83 -14.37
C PRO A 184 2.58 -12.56 -14.96
N PRO A 185 3.82 -12.25 -14.60
CA PRO A 185 4.43 -11.04 -15.14
C PRO A 185 4.93 -11.21 -16.56
N LYS A 186 4.85 -10.14 -17.34
CA LYS A 186 5.37 -10.15 -18.70
C LYS A 186 6.80 -9.68 -18.45
N THR A 187 7.78 -10.46 -18.90
CA THR A 187 9.17 -10.12 -18.65
C THR A 187 10.08 -9.96 -19.86
N HIS A 188 11.01 -9.02 -19.75
CA HIS A 188 12.01 -8.76 -20.79
C HIS A 188 13.22 -8.04 -20.19
N VAL A 189 14.37 -8.18 -20.84
CA VAL A 189 15.60 -7.56 -20.39
C VAL A 189 16.04 -6.47 -21.36
N THR A 190 16.20 -5.24 -20.88
CA THR A 190 16.64 -4.14 -21.74
C THR A 190 18.13 -3.85 -21.54
N HIS A 191 18.74 -3.24 -22.55
CA HIS A 191 20.17 -2.94 -22.52
C HIS A 191 20.42 -1.44 -22.68
N HIS A 192 21.18 -0.86 -21.76
CA HIS A 192 21.47 0.56 -21.81
C HIS A 192 22.96 0.85 -21.59
N PRO A 193 23.71 1.12 -22.67
CA PRO A 193 25.15 1.42 -22.55
C PRO A 193 25.35 2.66 -21.69
N VAL A 194 26.25 2.58 -20.72
CA VAL A 194 26.51 3.71 -19.84
C VAL A 194 27.89 4.32 -20.09
N SER A 195 28.82 3.47 -20.53
CA SER A 195 30.19 3.87 -20.81
C SER A 195 30.71 2.92 -21.89
N ASP A 196 31.97 3.06 -22.29
CA ASP A 196 32.52 2.15 -23.30
C ASP A 196 32.89 0.83 -22.65
N HIS A 197 33.02 0.85 -21.32
CA HIS A 197 33.40 -0.33 -20.56
C HIS A 197 32.25 -0.96 -19.78
N GLU A 198 31.15 -0.23 -19.62
CA GLU A 198 30.01 -0.76 -18.87
C GLU A 198 28.66 -0.49 -19.52
N ALA A 199 27.67 -1.26 -19.09
CA ALA A 199 26.30 -1.12 -19.60
C ALA A 199 25.29 -1.60 -18.56
N THR A 200 24.08 -1.08 -18.63
CA THR A 200 23.03 -1.46 -17.69
C THR A 200 22.08 -2.48 -18.29
N LEU A 201 21.86 -3.56 -17.55
CA LEU A 201 20.92 -4.60 -17.96
C LEU A 201 19.74 -4.43 -17.01
N ARG A 202 18.56 -4.16 -17.55
CA ARG A 202 17.39 -4.00 -16.71
C ARG A 202 16.35 -5.08 -16.98
N CYS A 203 16.01 -5.81 -15.93
CA CYS A 203 15.03 -6.88 -16.03
C CYS A 203 13.67 -6.36 -15.58
N TRP A 204 12.70 -6.41 -16.49
CA TRP A 204 11.36 -5.93 -16.21
C TRP A 204 10.31 -7.02 -15.95
N ALA A 205 9.35 -6.68 -15.12
CA ALA A 205 8.21 -7.55 -14.79
C ALA A 205 7.02 -6.60 -14.81
N LEU A 206 6.07 -6.87 -15.68
CA LEU A 206 4.88 -6.03 -15.81
C LEU A 206 3.57 -6.81 -15.83
N GLY A 207 2.49 -6.10 -15.50
CA GLY A 207 1.15 -6.68 -15.49
C GLY A 207 0.92 -7.88 -14.62
N PHE A 208 1.61 -7.97 -13.50
CA PHE A 208 1.41 -9.13 -12.64
C PHE A 208 0.56 -8.85 -11.39
N TYR A 209 -0.06 -9.91 -10.90
CA TYR A 209 -0.90 -9.86 -9.71
C TYR A 209 -0.90 -11.27 -9.13
N PRO A 210 -0.74 -11.40 -7.80
CA PRO A 210 -0.58 -10.33 -6.80
C PRO A 210 0.78 -9.62 -6.84
N ALA A 211 0.98 -8.66 -5.94
CA ALA A 211 2.22 -7.87 -5.89
C ALA A 211 3.48 -8.64 -5.51
N GLU A 212 3.35 -9.71 -4.74
CA GLU A 212 4.52 -10.49 -4.32
C GLU A 212 5.28 -11.06 -5.53
N ILE A 213 6.57 -10.79 -5.58
CA ILE A 213 7.40 -11.27 -6.67
C ILE A 213 8.86 -11.19 -6.29
N THR A 214 9.69 -12.00 -6.96
CA THR A 214 11.12 -11.99 -6.71
C THR A 214 11.85 -11.84 -8.03
N LEU A 215 12.72 -10.85 -8.09
CA LEU A 215 13.52 -10.58 -9.28
C LEU A 215 14.96 -10.48 -8.83
N THR A 216 15.82 -11.33 -9.39
CA THR A 216 17.23 -11.32 -9.01
C THR A 216 18.16 -11.52 -10.21
N TRP A 217 19.32 -10.90 -10.13
CA TRP A 217 20.33 -11.02 -11.19
C TRP A 217 21.40 -11.96 -10.66
N GLN A 218 21.81 -12.90 -11.49
CA GLN A 218 22.86 -13.84 -11.13
C GLN A 218 24.02 -13.69 -12.10
N ARG A 219 25.23 -13.67 -11.55
CA ARG A 219 26.45 -13.56 -12.34
C ARG A 219 27.14 -14.90 -12.23
N ASP A 220 27.05 -15.70 -13.29
CA ASP A 220 27.64 -17.03 -13.30
C ASP A 220 27.08 -17.84 -12.13
N GLY A 221 25.75 -17.79 -11.99
CA GLY A 221 25.09 -18.53 -10.93
C GLY A 221 25.14 -17.92 -9.54
N GLU A 222 25.81 -16.77 -9.43
CA GLU A 222 25.93 -16.09 -8.14
C GLU A 222 25.05 -14.85 -8.09
N ASP A 223 24.25 -14.72 -7.03
CA ASP A 223 23.36 -13.57 -6.88
C ASP A 223 24.16 -12.29 -6.68
N GLN A 224 23.71 -11.23 -7.35
CA GLN A 224 24.35 -9.92 -7.27
C GLN A 224 23.59 -8.95 -6.39
N THR A 225 23.08 -9.45 -5.27
CA THR A 225 22.31 -8.63 -4.33
C THR A 225 22.92 -7.24 -4.10
N GLN A 226 24.14 -7.23 -3.56
CA GLN A 226 24.82 -5.98 -3.25
C GLN A 226 25.01 -5.04 -4.45
N ASP A 227 25.08 -5.60 -5.66
CA ASP A 227 25.28 -4.78 -6.84
C ASP A 227 24.04 -4.61 -7.73
N THR A 228 22.88 -5.04 -7.23
CA THR A 228 21.64 -4.93 -7.99
C THR A 228 20.77 -3.76 -7.52
N GLU A 229 20.20 -3.04 -8.47
CA GLU A 229 19.32 -1.94 -8.14
C GLU A 229 17.90 -2.47 -8.32
N LEU A 230 17.14 -2.48 -7.23
CA LEU A 230 15.77 -2.98 -7.24
C LEU A 230 14.79 -1.89 -6.79
N VAL A 231 13.85 -1.50 -7.66
CA VAL A 231 12.88 -0.49 -7.27
C VAL A 231 11.71 -1.16 -6.57
N GLU A 232 11.08 -0.43 -5.65
CA GLU A 232 9.93 -0.95 -4.92
C GLU A 232 8.83 -1.33 -5.90
N THR A 233 8.14 -2.43 -5.63
CA THR A 233 7.05 -2.85 -6.50
C THR A 233 6.05 -1.71 -6.54
N ARG A 234 5.62 -1.34 -7.74
CA ARG A 234 4.72 -0.21 -7.90
C ARG A 234 3.42 -0.60 -8.60
N PRO A 235 2.31 0.04 -8.22
CA PRO A 235 1.02 -0.27 -8.87
C PRO A 235 0.90 0.37 -10.25
N ALA A 236 0.35 -0.39 -11.19
CA ALA A 236 0.16 0.08 -12.56
C ALA A 236 -1.09 0.95 -12.66
N GLY A 237 -2.08 0.67 -11.82
CA GLY A 237 -3.31 1.43 -11.85
C GLY A 237 -4.47 0.63 -12.41
N ASP A 238 -4.18 -0.53 -12.98
CA ASP A 238 -5.18 -1.41 -13.56
C ASP A 238 -5.28 -2.69 -12.74
N ARG A 239 -4.86 -2.60 -11.48
CA ARG A 239 -4.86 -3.70 -10.52
C ARG A 239 -3.53 -4.46 -10.49
N THR A 240 -2.80 -4.43 -11.60
CA THR A 240 -1.54 -5.14 -11.70
C THR A 240 -0.38 -4.31 -11.15
N PHE A 241 0.78 -4.95 -11.01
CA PHE A 241 1.96 -4.28 -10.49
C PHE A 241 3.15 -4.35 -11.43
N GLN A 242 4.20 -3.59 -11.11
CA GLN A 242 5.41 -3.57 -11.93
C GLN A 242 6.62 -3.55 -11.02
N LYS A 243 7.75 -4.00 -11.56
CA LYS A 243 8.99 -4.01 -10.81
C LYS A 243 10.14 -4.26 -11.76
N TRP A 244 11.33 -3.79 -11.40
CA TRP A 244 12.50 -4.07 -12.19
C TRP A 244 13.76 -4.14 -11.36
N ALA A 245 14.73 -4.89 -11.89
CA ALA A 245 16.02 -5.07 -11.25
C ALA A 245 17.07 -4.77 -12.31
N ALA A 246 18.04 -3.94 -11.95
CA ALA A 246 19.08 -3.58 -12.90
C ALA A 246 20.47 -3.84 -12.33
N VAL A 247 21.41 -4.09 -13.24
CA VAL A 247 22.78 -4.34 -12.85
C VAL A 247 23.70 -3.74 -13.90
N VAL A 248 24.81 -3.15 -13.47
CA VAL A 248 25.77 -2.55 -14.38
C VAL A 248 26.87 -3.59 -14.63
N VAL A 249 27.00 -4.00 -15.89
CA VAL A 249 27.96 -5.03 -16.24
C VAL A 249 29.01 -4.58 -17.25
N PRO A 250 30.20 -5.19 -17.20
CA PRO A 250 31.28 -4.83 -18.13
C PRO A 250 30.86 -5.24 -19.54
N SER A 251 31.10 -4.37 -20.52
CA SER A 251 30.73 -4.68 -21.90
C SER A 251 31.35 -6.01 -22.32
N GLY A 252 30.54 -6.89 -22.88
CA GLY A 252 31.02 -8.19 -23.31
C GLY A 252 30.72 -9.32 -22.34
N GLU A 253 30.62 -9.00 -21.06
CA GLU A 253 30.34 -10.02 -20.05
C GLU A 253 28.86 -10.24 -19.72
N GLU A 254 27.97 -9.52 -20.41
CA GLU A 254 26.55 -9.66 -20.13
C GLU A 254 25.96 -11.07 -20.21
N GLN A 255 26.59 -11.96 -20.95
CA GLN A 255 26.06 -13.32 -21.05
C GLN A 255 26.31 -14.15 -19.80
N ARG A 256 27.14 -13.62 -18.91
CA ARG A 256 27.42 -14.31 -17.66
C ARG A 256 26.33 -13.95 -16.64
N TYR A 257 25.43 -13.06 -17.06
CA TYR A 257 24.34 -12.57 -16.21
C TYR A 257 22.96 -13.10 -16.58
N THR A 258 22.24 -13.58 -15.58
CA THR A 258 20.89 -14.08 -15.83
C THR A 258 19.91 -13.49 -14.81
N CYS A 259 18.71 -13.15 -15.29
CA CYS A 259 17.68 -12.59 -14.43
C CYS A 259 16.69 -13.69 -14.06
N HIS A 260 16.44 -13.84 -12.77
CA HIS A 260 15.53 -14.86 -12.30
C HIS A 260 14.24 -14.29 -11.74
N VAL A 261 13.12 -14.81 -12.23
CA VAL A 261 11.80 -14.33 -11.80
C VAL A 261 10.92 -15.41 -11.18
N GLN A 262 10.47 -15.16 -9.96
CA GLN A 262 9.57 -16.07 -9.24
C GLN A 262 8.28 -15.32 -8.96
N HIS A 263 7.15 -15.92 -9.34
CA HIS A 263 5.83 -15.34 -9.13
C HIS A 263 4.84 -16.50 -9.04
N GLU A 264 3.83 -16.39 -8.19
CA GLU A 264 2.88 -17.49 -8.04
C GLU A 264 2.07 -17.76 -9.30
N GLY A 265 2.09 -16.83 -10.24
CA GLY A 265 1.35 -17.02 -11.47
C GLY A 265 2.17 -17.72 -12.54
N LEU A 266 3.40 -18.11 -12.19
CA LEU A 266 4.29 -18.79 -13.12
C LEU A 266 4.41 -20.28 -12.78
N PRO A 267 4.32 -21.16 -13.78
CA PRO A 267 4.44 -22.59 -13.52
C PRO A 267 5.75 -22.90 -12.78
N LYS A 268 6.83 -22.29 -13.25
CA LYS A 268 8.14 -22.46 -12.63
C LYS A 268 8.97 -21.19 -12.75
N PRO A 269 9.97 -21.02 -11.88
CA PRO A 269 10.84 -19.84 -11.90
C PRO A 269 11.43 -19.57 -13.28
N LEU A 270 11.30 -18.33 -13.75
CA LEU A 270 11.85 -17.96 -15.05
C LEU A 270 13.32 -17.57 -14.98
N THR A 271 13.99 -17.69 -16.10
CA THR A 271 15.39 -17.33 -16.23
C THR A 271 15.48 -16.56 -17.53
N LEU A 272 15.97 -15.33 -17.46
CA LEU A 272 16.09 -14.51 -18.66
C LEU A 272 17.50 -13.99 -18.83
N ARG A 273 17.80 -13.57 -20.05
CA ARG A 273 19.10 -13.04 -20.39
C ARG A 273 18.85 -12.04 -21.49
N TRP A 274 19.75 -11.06 -21.63
CA TRP A 274 19.58 -10.09 -22.68
C TRP A 274 19.71 -10.79 -24.03
N GLU A 275 18.75 -10.53 -24.90
CA GLU A 275 18.73 -11.13 -26.23
C GLU A 275 18.81 -10.02 -27.28
N PRO A 276 20.04 -9.72 -27.73
CA PRO A 276 20.29 -8.68 -28.75
C PRO A 276 19.65 -9.01 -30.09
N ILE B 1 8.22 8.94 13.85
CA ILE B 1 8.66 10.36 13.68
C ILE B 1 8.28 10.84 12.28
N GLN B 2 9.22 11.38 11.51
CA GLN B 2 8.92 11.85 10.17
C GLN B 2 9.76 11.15 9.11
N ARG B 3 9.11 10.74 8.03
CA ARG B 3 9.79 10.04 6.95
C ARG B 3 9.50 10.71 5.62
N THR B 4 10.56 11.01 4.88
CA THR B 4 10.40 11.68 3.59
C THR B 4 9.95 10.65 2.56
N PRO B 5 9.11 11.06 1.61
CA PRO B 5 8.61 10.15 0.59
C PRO B 5 9.58 9.71 -0.51
N LYS B 6 9.31 8.51 -1.03
CA LYS B 6 10.08 7.95 -2.13
C LYS B 6 9.17 8.26 -3.31
N ILE B 7 9.76 8.51 -4.46
CA ILE B 7 8.96 8.88 -5.61
C ILE B 7 9.32 8.08 -6.86
N GLN B 8 8.29 7.63 -7.57
CA GLN B 8 8.49 6.90 -8.81
C GLN B 8 7.51 7.46 -9.82
N VAL B 9 8.03 7.88 -10.97
CA VAL B 9 7.23 8.43 -12.06
C VAL B 9 7.36 7.44 -13.21
N TYR B 10 6.24 7.06 -13.81
CA TYR B 10 6.28 6.07 -14.87
C TYR B 10 4.91 5.93 -15.49
N SER B 11 4.83 5.21 -16.61
CA SER B 11 3.56 5.00 -17.30
C SER B 11 2.99 3.62 -17.03
N ARG B 12 1.67 3.49 -17.20
CA ARG B 12 0.99 2.23 -16.97
C ARG B 12 1.46 1.15 -17.94
N HIS B 13 1.62 1.53 -19.20
CA HIS B 13 2.07 0.62 -20.26
C HIS B 13 3.33 1.18 -20.88
N PRO B 14 4.13 0.34 -21.56
CA PRO B 14 5.34 0.84 -22.19
C PRO B 14 4.95 2.03 -23.07
N ALA B 15 5.71 3.11 -23.00
CA ALA B 15 5.40 4.30 -23.78
C ALA B 15 5.60 4.20 -25.28
N GLU B 16 4.61 4.66 -26.02
CA GLU B 16 4.66 4.69 -27.48
C GLU B 16 4.06 6.00 -27.94
N ASN B 17 4.93 6.91 -28.40
CA ASN B 17 4.50 8.23 -28.86
C ASN B 17 3.23 8.11 -29.70
N GLY B 18 2.25 8.94 -29.38
CA GLY B 18 1.00 8.92 -30.12
C GLY B 18 -0.08 8.04 -29.49
N LYS B 19 0.34 6.98 -28.80
CA LYS B 19 -0.61 6.08 -28.16
C LYS B 19 -1.02 6.58 -26.78
N SER B 20 -2.33 6.56 -26.52
CA SER B 20 -2.87 7.00 -25.23
C SER B 20 -2.33 6.09 -24.12
N ASN B 21 -1.98 6.68 -22.99
CA ASN B 21 -1.43 5.92 -21.87
C ASN B 21 -1.87 6.56 -20.56
N PHE B 22 -1.23 6.13 -19.46
CA PHE B 22 -1.51 6.67 -18.13
C PHE B 22 -0.20 7.00 -17.45
N LEU B 23 -0.09 8.24 -16.98
CA LEU B 23 1.11 8.72 -16.28
C LEU B 23 0.88 8.56 -14.79
N ASN B 24 1.81 7.88 -14.12
CA ASN B 24 1.69 7.67 -12.68
C ASN B 24 2.81 8.25 -11.84
N CYS B 25 2.43 8.69 -10.64
CA CYS B 25 3.41 9.18 -9.67
C CYS B 25 3.06 8.48 -8.38
N TYR B 26 3.90 7.52 -8.00
CA TYR B 26 3.68 6.73 -6.80
C TYR B 26 4.57 7.21 -5.68
N VAL B 27 3.96 7.70 -4.60
CA VAL B 27 4.70 8.17 -3.44
C VAL B 27 4.47 7.22 -2.28
N SER B 28 5.54 6.81 -1.63
CA SER B 28 5.43 5.87 -0.52
C SER B 28 6.50 6.13 0.52
N GLY B 29 6.44 5.37 1.61
CA GLY B 29 7.40 5.51 2.67
C GLY B 29 7.37 6.83 3.43
N PHE B 30 6.28 7.59 3.35
CA PHE B 30 6.25 8.85 4.07
C PHE B 30 5.38 8.88 5.31
N HIS B 31 5.71 9.78 6.22
CA HIS B 31 4.97 9.96 7.46
C HIS B 31 5.38 11.34 7.99
N PRO B 32 4.40 12.21 8.36
CA PRO B 32 2.95 12.06 8.34
C PRO B 32 2.29 12.00 6.95
N SER B 33 0.99 11.76 6.94
CA SER B 33 0.22 11.59 5.70
C SER B 33 -0.06 12.79 4.81
N ASP B 34 0.00 14.00 5.33
CA ASP B 34 -0.27 15.16 4.48
C ASP B 34 0.82 15.26 3.43
N ILE B 35 0.42 15.39 2.17
CA ILE B 35 1.39 15.49 1.09
C ILE B 35 0.76 16.14 -0.13
N GLU B 36 1.55 16.93 -0.85
CA GLU B 36 1.06 17.61 -2.05
C GLU B 36 1.80 17.06 -3.26
N VAL B 37 1.05 16.55 -4.23
CA VAL B 37 1.63 15.98 -5.43
C VAL B 37 1.02 16.56 -6.69
N ASP B 38 1.88 16.96 -7.62
CA ASP B 38 1.43 17.52 -8.89
C ASP B 38 2.07 16.80 -10.06
N LEU B 39 1.28 16.53 -11.08
CA LEU B 39 1.78 15.91 -12.29
C LEU B 39 2.04 17.09 -13.21
N LEU B 40 3.23 17.15 -13.80
CA LEU B 40 3.59 18.26 -14.67
C LEU B 40 3.79 17.90 -16.14
N LYS B 41 3.38 18.83 -17.01
CA LYS B 41 3.53 18.68 -18.45
C LYS B 41 4.26 19.92 -18.95
N ASN B 42 5.53 19.74 -19.30
CA ASN B 42 6.36 20.86 -19.77
C ASN B 42 6.37 21.98 -18.73
N GLY B 43 6.53 21.60 -17.46
CA GLY B 43 6.59 22.59 -16.40
C GLY B 43 5.26 23.06 -15.84
N GLU B 44 4.17 22.80 -16.55
CA GLU B 44 2.85 23.23 -16.10
C GLU B 44 2.13 22.06 -15.41
N ARG B 45 1.13 22.39 -14.59
CA ARG B 45 0.40 21.35 -13.86
C ARG B 45 -0.86 20.85 -14.58
N ILE B 46 -0.99 19.54 -14.69
CA ILE B 46 -2.15 18.92 -15.32
C ILE B 46 -3.31 19.13 -14.35
N GLU B 47 -4.48 19.45 -14.89
CA GLU B 47 -5.64 19.71 -14.04
C GLU B 47 -6.38 18.47 -13.56
N LYS B 48 -6.73 17.57 -14.49
CA LYS B 48 -7.47 16.38 -14.09
C LYS B 48 -6.56 15.24 -13.67
N VAL B 49 -6.17 15.26 -12.38
CA VAL B 49 -5.31 14.24 -11.79
C VAL B 49 -6.06 13.57 -10.64
N GLU B 50 -6.17 12.25 -10.70
CA GLU B 50 -6.83 11.50 -9.65
C GLU B 50 -5.82 10.78 -8.78
N HIS B 51 -6.28 10.27 -7.64
CA HIS B 51 -5.38 9.55 -6.75
C HIS B 51 -6.13 8.50 -5.92
N SER B 52 -5.37 7.49 -5.49
CA SER B 52 -5.88 6.38 -4.70
C SER B 52 -6.25 6.81 -3.28
N ASP B 53 -6.92 5.89 -2.58
CA ASP B 53 -7.33 6.16 -1.21
C ASP B 53 -6.15 5.94 -0.26
N LEU B 54 -5.98 6.85 0.69
CA LEU B 54 -4.87 6.76 1.64
C LEU B 54 -4.79 5.39 2.30
N SER B 55 -3.61 4.80 2.26
CA SER B 55 -3.39 3.51 2.90
C SER B 55 -1.95 3.51 3.37
N PHE B 56 -1.53 2.46 4.06
CA PHE B 56 -0.15 2.39 4.56
C PHE B 56 0.41 0.97 4.57
N SER B 57 1.74 0.87 4.65
CA SER B 57 2.45 -0.41 4.64
C SER B 57 2.61 -0.95 6.06
N LYS B 58 3.17 -2.15 6.19
CA LYS B 58 3.33 -2.72 7.51
C LYS B 58 4.26 -1.93 8.41
N ASP B 59 5.15 -1.12 7.83
CA ASP B 59 6.03 -0.29 8.66
C ASP B 59 5.33 1.02 9.01
N TRP B 60 4.03 1.09 8.70
CA TRP B 60 3.18 2.24 8.99
C TRP B 60 3.33 3.45 8.08
N SER B 61 4.26 3.39 7.13
CA SER B 61 4.45 4.51 6.23
C SER B 61 3.34 4.50 5.17
N PHE B 62 2.87 5.70 4.83
CA PHE B 62 1.79 5.86 3.86
C PHE B 62 2.22 5.74 2.41
N TYR B 63 1.27 5.46 1.54
CA TYR B 63 1.53 5.40 0.10
C TYR B 63 0.29 5.83 -0.65
N LEU B 64 0.52 6.48 -1.79
CA LEU B 64 -0.53 6.99 -2.65
C LEU B 64 -0.08 6.98 -4.10
N LEU B 65 -1.03 6.74 -5.00
CA LEU B 65 -0.74 6.75 -6.43
C LEU B 65 -1.52 7.87 -7.09
N TYR B 66 -0.80 8.81 -7.71
CA TYR B 66 -1.46 9.89 -8.44
C TYR B 66 -1.35 9.52 -9.91
N TYR B 67 -2.45 9.63 -10.64
CA TYR B 67 -2.44 9.27 -12.06
C TYR B 67 -3.32 10.14 -12.95
N THR B 68 -2.93 10.22 -14.22
CA THR B 68 -3.66 10.98 -15.21
C THR B 68 -3.47 10.36 -16.59
N GLU B 69 -4.52 10.38 -17.40
CA GLU B 69 -4.46 9.82 -18.74
C GLU B 69 -3.59 10.77 -19.58
N PHE B 70 -2.80 10.22 -20.49
CA PHE B 70 -1.95 11.06 -21.31
C PHE B 70 -1.43 10.33 -22.56
N THR B 71 -1.02 11.11 -23.56
CA THR B 71 -0.50 10.55 -24.79
C THR B 71 0.92 11.07 -24.98
N PRO B 72 1.92 10.25 -24.62
CA PRO B 72 3.32 10.65 -24.76
C PRO B 72 3.73 11.04 -26.17
N THR B 73 4.70 11.94 -26.26
CA THR B 73 5.19 12.41 -27.55
C THR B 73 6.71 12.42 -27.50
N GLU B 74 7.32 12.84 -28.60
CA GLU B 74 8.76 12.90 -28.69
C GLU B 74 9.35 14.02 -27.84
N LYS B 75 8.71 15.19 -27.89
CA LYS B 75 9.20 16.35 -27.16
C LYS B 75 8.56 16.69 -25.81
N ASP B 76 7.32 16.26 -25.59
CA ASP B 76 6.68 16.58 -24.33
C ASP B 76 7.42 16.00 -23.13
N GLU B 77 7.66 16.85 -22.14
CA GLU B 77 8.34 16.45 -20.93
C GLU B 77 7.30 16.33 -19.83
N TYR B 78 7.43 15.30 -19.00
CA TYR B 78 6.50 15.09 -17.91
C TYR B 78 7.28 14.91 -16.62
N ALA B 79 6.68 15.31 -15.50
CA ALA B 79 7.34 15.19 -14.22
C ALA B 79 6.34 15.21 -13.07
N CYS B 80 6.82 14.80 -11.89
CA CYS B 80 6.00 14.77 -10.70
C CYS B 80 6.64 15.71 -9.69
N ARG B 81 5.82 16.57 -9.07
CA ARG B 81 6.32 17.52 -8.07
C ARG B 81 5.69 17.19 -6.72
N VAL B 82 6.53 16.88 -5.75
CA VAL B 82 6.07 16.51 -4.43
C VAL B 82 6.56 17.44 -3.32
N ASN B 83 5.67 17.75 -2.40
CA ASN B 83 6.02 18.58 -1.26
C ASN B 83 5.53 17.86 -0.02
N HIS B 84 6.38 17.81 1.00
CA HIS B 84 6.06 17.13 2.25
C HIS B 84 6.81 17.84 3.39
N VAL B 85 6.27 17.77 4.60
CA VAL B 85 6.88 18.43 5.74
C VAL B 85 8.38 18.13 5.90
N THR B 86 8.83 17.00 5.34
CA THR B 86 10.24 16.62 5.42
C THR B 86 11.09 17.28 4.34
N LEU B 87 10.45 17.98 3.41
CA LEU B 87 11.16 18.62 2.32
C LEU B 87 11.17 20.14 2.44
N SER B 88 12.36 20.74 2.38
CA SER B 88 12.49 22.19 2.48
C SER B 88 11.84 22.83 1.25
N GLN B 89 12.11 22.26 0.09
CA GLN B 89 11.54 22.75 -1.17
C GLN B 89 10.94 21.57 -1.92
N PRO B 90 9.91 21.82 -2.75
CA PRO B 90 9.27 20.76 -3.53
C PRO B 90 10.26 19.94 -4.33
N LYS B 91 10.08 18.62 -4.32
CA LYS B 91 10.98 17.74 -5.05
C LYS B 91 10.35 17.41 -6.40
N ILE B 92 11.14 17.54 -7.47
CA ILE B 92 10.66 17.25 -8.81
C ILE B 92 11.35 16.03 -9.38
N VAL B 93 10.56 15.15 -9.99
CA VAL B 93 11.09 13.94 -10.58
C VAL B 93 10.57 13.80 -12.01
N LYS B 94 11.50 13.81 -12.97
CA LYS B 94 11.15 13.70 -14.39
C LYS B 94 10.78 12.29 -14.80
N TRP B 95 9.84 12.17 -15.72
CA TRP B 95 9.44 10.86 -16.21
C TRP B 95 10.47 10.37 -17.21
N ASP B 96 10.93 9.14 -17.03
CA ASP B 96 11.91 8.54 -17.91
C ASP B 96 11.30 7.27 -18.49
N ARG B 97 10.98 7.31 -19.78
CA ARG B 97 10.38 6.17 -20.48
C ARG B 97 11.05 4.84 -20.16
N ASP B 98 12.31 4.89 -19.76
CA ASP B 98 13.06 3.67 -19.47
C ASP B 98 13.24 3.40 -17.98
N MET B 99 12.36 3.96 -17.16
CA MET B 99 12.43 3.76 -15.71
C MET B 99 11.08 3.36 -15.10
N LEU C 1 -17.53 -7.74 6.86
CA LEU C 1 -17.80 -6.58 7.75
C LEU C 1 -16.54 -6.12 8.47
N PRO C 2 -16.36 -4.80 8.59
CA PRO C 2 -15.20 -4.21 9.26
C PRO C 2 -15.32 -4.36 10.77
N PRO C 3 -14.18 -4.44 11.47
CA PRO C 3 -14.19 -4.59 12.93
C PRO C 3 -14.67 -3.34 13.66
N VAL C 4 -15.47 -3.54 14.69
CA VAL C 4 -15.95 -2.41 15.47
C VAL C 4 -14.87 -2.03 16.49
N VAL C 5 -14.54 -0.75 16.54
CA VAL C 5 -13.55 -0.26 17.48
C VAL C 5 -14.32 0.63 18.44
N ALA C 6 -15.03 -0.01 19.37
CA ALA C 6 -15.84 0.71 20.35
C ALA C 6 -15.07 1.03 21.63
N LYS C 7 -13.95 0.34 21.83
CA LYS C 7 -13.15 0.53 23.03
C LYS C 7 -11.92 1.42 22.83
N GLU C 8 -11.85 2.50 23.62
CA GLU C 8 -10.76 3.45 23.56
C GLU C 8 -9.49 2.94 24.24
N ILE C 9 -8.36 3.52 23.86
CA ILE C 9 -7.07 3.15 24.42
C ILE C 9 -6.98 3.60 25.88
#